data_3IDB
#
_entry.id   3IDB
#
_cell.length_a   173.321
_cell.length_b   65.733
_cell.length_c   47.155
_cell.angle_alpha   90.00
_cell.angle_beta   99.95
_cell.angle_gamma   90.00
#
_symmetry.space_group_name_H-M   'C 1 2 1'
#
loop_
_entity.id
_entity.type
_entity.pdbx_description
1 polymer 'cAMP-dependent protein kinase catalytic subunit alpha'
2 polymer 'cAMP-dependent protein kinase type II-beta regulatory subunit'
3 non-polymer 'MANGANESE (II) ION'
4 non-polymer 'PHOSPHOAMINOPHOSPHONIC ACID-ADENYLATE ESTER'
5 water water
#
loop_
_entity_poly.entity_id
_entity_poly.type
_entity_poly.pdbx_seq_one_letter_code
_entity_poly.pdbx_strand_id
1 'polypeptide(L)'
;GNAAAAKKGSEQESVKEFLAKAKEDFLKKWETPSQNTAQLDQFDRIKTLGTGSFGRVMLVKHKESGNHYAMKILDKQKVV
KLKQIEHTLNEKRILQAVNFPFLVKLEFSFKDNSNLYMVMEYVAGGEMFSHLRRIGRFSEPHARFYAAQIVLTFEYLHSL
DLIYRDLKPENLLIDQQGYIQVTDFGFAKRVKGRTW(TPO)LCGTPEYLAPEIILSKGYNKAVDWWALGVLIYEMAAGYP
PFFADQPIQIYEKIVSGKVRFPSHFSSDLKDLLRNLLQVDLTKRFGNLKNGVNDIKNHKWFATTDWIAIYQRKVEAPFIP
KFKGPGDTSNFDDYEEEEIRV(SEP)INEKCGKEFTEF
;
A
2 'polypeptide(L)'
;TRRASVCAEAYNPDEEEDDAESRIIHPKTDDQRNRLQEACKDILLFKNLDPEQMSQVLDAMFEKLVKEGEHVIDQGDDGD
NFYVIDRGTFDIYVKCDGVGRCVGNYDNRGSFGELALMYNTPRAATITATSPGALWGLDRVTFRRIIVKNNAKKRKMYES
F
;
B
#
loop_
_chem_comp.id
_chem_comp.type
_chem_comp.name
_chem_comp.formula
ANP non-polymer 'PHOSPHOAMINOPHOSPHONIC ACID-ADENYLATE ESTER' 'C10 H17 N6 O12 P3'
MN non-polymer 'MANGANESE (II) ION' 'Mn 2'
#
# COMPACT_ATOMS: atom_id res chain seq x y z
N LYS A 8 -7.46 13.23 -29.14
CA LYS A 8 -7.60 12.12 -30.13
C LYS A 8 -7.58 10.77 -29.42
N GLY A 9 -6.58 10.55 -28.57
CA GLY A 9 -6.47 9.29 -27.85
C GLY A 9 -7.79 8.94 -27.18
N SER A 10 -8.38 9.92 -26.50
CA SER A 10 -9.65 9.71 -25.80
C SER A 10 -10.84 9.61 -26.74
N GLU A 11 -10.65 9.98 -28.01
CA GLU A 11 -11.73 9.93 -28.98
C GLU A 11 -11.75 8.63 -29.78
N GLN A 12 -10.76 7.78 -29.55
CA GLN A 12 -10.67 6.50 -30.26
C GLN A 12 -11.79 5.55 -29.83
N GLU A 13 -11.95 5.38 -28.53
CA GLU A 13 -12.94 4.46 -27.99
C GLU A 13 -14.02 5.16 -27.16
N SER A 14 -15.27 4.75 -27.36
CA SER A 14 -16.40 5.32 -26.63
C SER A 14 -16.69 4.38 -25.46
N VAL A 15 -16.48 4.88 -24.24
CA VAL A 15 -16.69 4.06 -23.05
C VAL A 15 -17.85 4.50 -22.17
N LYS A 16 -18.60 5.50 -22.60
CA LYS A 16 -19.72 6.01 -21.82
C LYS A 16 -20.72 4.94 -21.39
N GLU A 17 -21.35 4.26 -22.36
CA GLU A 17 -22.33 3.24 -22.01
C GLU A 17 -21.68 2.03 -21.35
N PHE A 18 -20.43 1.73 -21.71
CA PHE A 18 -19.75 0.59 -21.12
C PHE A 18 -19.59 0.79 -19.61
N LEU A 19 -19.10 1.96 -19.22
CA LEU A 19 -18.91 2.26 -17.80
C LEU A 19 -20.24 2.30 -17.06
N ALA A 20 -21.30 2.71 -17.75
CA ALA A 20 -22.62 2.77 -17.13
C ALA A 20 -23.11 1.37 -16.81
N LYS A 21 -22.95 0.45 -17.75
CA LYS A 21 -23.39 -0.92 -17.54
C LYS A 21 -22.48 -1.63 -16.54
N ALA A 22 -21.18 -1.35 -16.64
CA ALA A 22 -20.21 -1.96 -15.74
C ALA A 22 -20.54 -1.56 -14.29
N LYS A 23 -21.02 -0.34 -14.12
CA LYS A 23 -21.37 0.15 -12.79
C LYS A 23 -22.59 -0.61 -12.28
N GLU A 24 -23.59 -0.77 -13.14
CA GLU A 24 -24.80 -1.49 -12.77
C GLU A 24 -24.44 -2.92 -12.35
N ASP A 25 -23.63 -3.59 -13.17
CA ASP A 25 -23.23 -4.97 -12.87
C ASP A 25 -22.42 -5.04 -11.58
N PHE A 26 -21.52 -4.10 -11.37
CA PHE A 26 -20.71 -4.09 -10.16
C PHE A 26 -21.57 -3.96 -8.90
N LEU A 27 -22.44 -2.95 -8.88
CA LEU A 27 -23.31 -2.73 -7.73
C LEU A 27 -24.12 -3.98 -7.40
N LYS A 28 -24.67 -4.62 -8.43
CA LYS A 28 -25.47 -5.82 -8.22
C LYS A 28 -24.65 -6.92 -7.56
N LYS A 29 -23.43 -7.15 -8.05
CA LYS A 29 -22.58 -8.20 -7.49
C LYS A 29 -22.01 -7.83 -6.12
N TRP A 30 -21.70 -6.54 -5.94
CA TRP A 30 -21.13 -6.09 -4.67
C TRP A 30 -22.05 -6.39 -3.49
N GLU A 31 -23.34 -6.20 -3.72
CA GLU A 31 -24.35 -6.42 -2.68
C GLU A 31 -24.71 -7.91 -2.54
N THR A 32 -24.27 -8.74 -3.48
CA THR A 32 -24.59 -10.16 -3.42
C THR A 32 -23.42 -11.12 -3.51
N PRO A 33 -22.43 -10.98 -2.62
CA PRO A 33 -21.30 -11.90 -2.69
C PRO A 33 -21.71 -13.33 -2.32
N SER A 34 -21.03 -14.31 -2.89
CA SER A 34 -21.35 -15.69 -2.57
C SER A 34 -20.46 -16.08 -1.39
N GLN A 35 -20.90 -17.08 -0.63
CA GLN A 35 -20.16 -17.56 0.51
C GLN A 35 -19.88 -19.04 0.37
N ASN A 36 -18.70 -19.46 0.79
CA ASN A 36 -18.31 -20.86 0.73
C ASN A 36 -18.71 -21.56 -0.56
N THR A 37 -18.17 -21.08 -1.67
CA THR A 37 -18.46 -21.65 -2.97
C THR A 37 -17.54 -22.83 -3.27
N ALA A 38 -16.74 -23.21 -2.27
CA ALA A 38 -15.82 -24.34 -2.37
C ALA A 38 -15.30 -24.63 -0.97
N GLN A 39 -14.53 -25.71 -0.82
CA GLN A 39 -13.95 -26.05 0.47
C GLN A 39 -12.50 -26.50 0.29
N LEU A 40 -11.75 -26.45 1.37
CA LEU A 40 -10.33 -26.78 1.32
C LEU A 40 -9.98 -28.14 0.71
N ASP A 41 -10.73 -29.17 1.09
CA ASP A 41 -10.44 -30.52 0.58
C ASP A 41 -10.75 -30.73 -0.90
N GLN A 42 -11.15 -29.67 -1.60
CA GLN A 42 -11.44 -29.80 -3.02
C GLN A 42 -10.23 -29.36 -3.83
N PHE A 43 -9.16 -28.98 -3.13
CA PHE A 43 -7.94 -28.52 -3.77
C PHE A 43 -6.68 -29.21 -3.26
N ASP A 44 -5.75 -29.49 -4.17
CA ASP A 44 -4.47 -30.07 -3.79
C ASP A 44 -3.51 -28.88 -3.74
N ARG A 45 -2.84 -28.69 -2.60
CA ARG A 45 -1.89 -27.58 -2.48
C ARG A 45 -0.57 -28.01 -3.08
N ILE A 46 -0.12 -27.27 -4.08
CA ILE A 46 1.12 -27.61 -4.76
C ILE A 46 2.35 -26.85 -4.27
N LYS A 47 2.29 -25.53 -4.31
CA LYS A 47 3.42 -24.73 -3.88
C LYS A 47 3.05 -23.28 -3.60
N THR A 48 3.86 -22.63 -2.78
CA THR A 48 3.66 -21.23 -2.42
C THR A 48 4.20 -20.32 -3.52
N LEU A 49 3.39 -19.36 -3.93
CA LEU A 49 3.77 -18.41 -4.98
C LEU A 49 4.24 -17.10 -4.39
N GLY A 50 3.81 -16.83 -3.15
CA GLY A 50 4.20 -15.61 -2.48
C GLY A 50 3.63 -15.60 -1.09
N THR A 51 4.26 -14.89 -0.17
CA THR A 51 3.79 -14.80 1.21
C THR A 51 3.48 -13.36 1.60
N GLY A 52 2.61 -13.21 2.59
CA GLY A 52 2.23 -11.91 3.08
C GLY A 52 2.03 -11.94 4.59
N SER A 53 1.63 -10.82 5.17
CA SER A 53 1.45 -10.74 6.62
C SER A 53 0.39 -11.67 7.22
N PHE A 54 -0.69 -11.92 6.49
CA PHE A 54 -1.75 -12.80 7.00
C PHE A 54 -1.57 -14.25 6.60
N GLY A 55 -0.67 -14.50 5.65
CA GLY A 55 -0.43 -15.85 5.19
C GLY A 55 0.26 -15.82 3.85
N ARG A 56 -0.15 -16.70 2.94
CA ARG A 56 0.46 -16.72 1.63
C ARG A 56 -0.51 -17.09 0.52
N VAL A 57 0.00 -17.08 -0.70
CA VAL A 57 -0.77 -17.44 -1.87
C VAL A 57 -0.13 -18.70 -2.40
N MET A 58 -0.93 -19.74 -2.56
CA MET A 58 -0.41 -21.01 -3.04
C MET A 58 -1.02 -21.42 -4.37
N LEU A 59 -0.22 -22.13 -5.17
CA LEU A 59 -0.70 -22.66 -6.43
C LEU A 59 -1.45 -23.90 -5.98
N VAL A 60 -2.66 -24.08 -6.48
CA VAL A 60 -3.47 -25.24 -6.11
C VAL A 60 -4.14 -25.84 -7.32
N LYS A 61 -4.53 -27.10 -7.19
CA LYS A 61 -5.21 -27.78 -8.28
C LYS A 61 -6.59 -28.18 -7.79
N HIS A 62 -7.61 -27.79 -8.54
CA HIS A 62 -8.98 -28.15 -8.19
C HIS A 62 -9.10 -29.63 -8.54
N LYS A 63 -9.29 -30.46 -7.53
CA LYS A 63 -9.37 -31.91 -7.70
C LYS A 63 -10.35 -32.47 -8.72
N GLU A 64 -11.52 -31.86 -8.87
CA GLU A 64 -12.52 -32.36 -9.81
C GLU A 64 -12.30 -31.92 -11.25
N SER A 65 -11.94 -30.65 -11.45
CA SER A 65 -11.72 -30.12 -12.80
C SER A 65 -10.27 -30.24 -13.26
N GLY A 66 -9.35 -30.30 -12.31
CA GLY A 66 -7.95 -30.40 -12.66
C GLY A 66 -7.34 -29.04 -12.98
N ASN A 67 -8.15 -27.98 -12.93
CA ASN A 67 -7.65 -26.65 -13.22
C ASN A 67 -6.79 -26.13 -12.07
N HIS A 68 -5.79 -25.31 -12.41
CA HIS A 68 -4.90 -24.72 -11.43
C HIS A 68 -5.41 -23.33 -11.05
N TYR A 69 -5.21 -22.97 -9.78
CA TYR A 69 -5.64 -21.66 -9.27
C TYR A 69 -4.62 -21.16 -8.26
N ALA A 70 -4.75 -19.88 -7.89
CA ALA A 70 -3.88 -19.29 -6.89
C ALA A 70 -4.79 -19.01 -5.71
N MET A 71 -4.47 -19.63 -4.58
CA MET A 71 -5.27 -19.48 -3.38
C MET A 71 -4.60 -18.64 -2.31
N LYS A 72 -5.21 -17.51 -1.98
CA LYS A 72 -4.68 -16.64 -0.94
C LYS A 72 -5.29 -17.08 0.38
N ILE A 73 -4.44 -17.36 1.35
CA ILE A 73 -4.89 -17.81 2.67
C ILE A 73 -4.65 -16.73 3.69
N LEU A 74 -5.69 -16.35 4.42
CA LEU A 74 -5.57 -15.31 5.44
C LEU A 74 -5.97 -15.82 6.82
N ASP A 75 -4.99 -15.85 7.73
CA ASP A 75 -5.21 -16.30 9.10
C ASP A 75 -6.10 -15.29 9.82
N LYS A 76 -7.32 -15.71 10.16
CA LYS A 76 -8.26 -14.80 10.83
C LYS A 76 -7.73 -14.12 12.08
N GLN A 77 -7.07 -14.87 12.95
CA GLN A 77 -6.53 -14.28 14.18
C GLN A 77 -5.49 -13.21 13.86
N LYS A 78 -4.70 -13.45 12.83
CA LYS A 78 -3.67 -12.51 12.42
C LYS A 78 -4.34 -11.25 11.87
N VAL A 79 -5.37 -11.43 11.05
CA VAL A 79 -6.09 -10.30 10.47
C VAL A 79 -6.64 -9.43 11.60
N VAL A 80 -7.22 -10.06 12.61
CA VAL A 80 -7.78 -9.32 13.73
C VAL A 80 -6.67 -8.60 14.51
N LYS A 81 -5.55 -9.29 14.73
CA LYS A 81 -4.45 -8.70 15.48
C LYS A 81 -3.86 -7.47 14.78
N LEU A 82 -3.71 -7.55 13.46
CA LEU A 82 -3.16 -6.45 12.68
C LEU A 82 -4.23 -5.40 12.35
N LYS A 83 -5.42 -5.59 12.90
CA LYS A 83 -6.53 -4.67 12.70
C LYS A 83 -6.90 -4.46 11.24
N GLN A 84 -6.97 -5.55 10.48
CA GLN A 84 -7.29 -5.48 9.07
C GLN A 84 -8.60 -6.15 8.70
N ILE A 85 -9.52 -6.28 9.66
CA ILE A 85 -10.81 -6.91 9.38
C ILE A 85 -11.56 -6.22 8.25
N GLU A 86 -11.81 -4.93 8.39
CA GLU A 86 -12.55 -4.20 7.35
C GLU A 86 -11.90 -4.31 5.97
N HIS A 87 -10.59 -4.12 5.91
CA HIS A 87 -9.87 -4.20 4.64
C HIS A 87 -9.99 -5.57 3.99
N THR A 88 -9.91 -6.62 4.80
CA THR A 88 -10.00 -7.98 4.31
C THR A 88 -11.41 -8.25 3.78
N LEU A 89 -12.43 -7.78 4.49
CA LEU A 89 -13.78 -8.00 4.00
C LEU A 89 -13.99 -7.24 2.69
N ASN A 90 -13.43 -6.04 2.61
CA ASN A 90 -13.54 -5.23 1.39
C ASN A 90 -12.82 -5.89 0.22
N GLU A 91 -11.64 -6.43 0.51
CA GLU A 91 -10.84 -7.10 -0.51
C GLU A 91 -11.66 -8.17 -1.23
N LYS A 92 -12.24 -9.08 -0.47
CA LYS A 92 -13.04 -10.14 -1.06
C LYS A 92 -14.34 -9.66 -1.69
N ARG A 93 -15.07 -8.77 -1.02
CA ARG A 93 -16.33 -8.30 -1.56
C ARG A 93 -16.16 -7.52 -2.86
N ILE A 94 -15.10 -6.72 -2.94
CA ILE A 94 -14.86 -5.94 -4.15
C ILE A 94 -14.30 -6.79 -5.29
N LEU A 95 -13.31 -7.62 -4.99
CA LEU A 95 -12.71 -8.44 -6.03
C LEU A 95 -13.73 -9.36 -6.71
N GLN A 96 -14.67 -9.90 -5.95
CA GLN A 96 -15.68 -10.79 -6.52
C GLN A 96 -16.68 -10.03 -7.38
N ALA A 97 -16.77 -8.72 -7.19
CA ALA A 97 -17.73 -7.90 -7.91
C ALA A 97 -17.20 -7.20 -9.16
N VAL A 98 -15.88 -7.10 -9.30
CA VAL A 98 -15.33 -6.43 -10.48
C VAL A 98 -15.08 -7.37 -11.64
N ASN A 99 -15.00 -6.79 -12.84
CA ASN A 99 -14.75 -7.53 -14.06
C ASN A 99 -14.08 -6.63 -15.08
N PHE A 100 -12.83 -6.93 -15.40
CA PHE A 100 -12.08 -6.15 -16.37
C PHE A 100 -10.96 -7.03 -16.92
N PRO A 101 -10.58 -6.83 -18.19
CA PRO A 101 -9.52 -7.65 -18.80
C PRO A 101 -8.20 -7.70 -18.03
N PHE A 102 -7.90 -6.66 -17.27
CA PHE A 102 -6.64 -6.61 -16.55
C PHE A 102 -6.71 -6.81 -15.04
N LEU A 103 -7.83 -7.36 -14.57
CA LEU A 103 -8.02 -7.64 -13.14
C LEU A 103 -8.09 -9.15 -12.95
N VAL A 104 -7.36 -9.68 -11.96
CA VAL A 104 -7.39 -11.11 -11.72
C VAL A 104 -8.81 -11.48 -11.30
N LYS A 105 -9.25 -12.65 -11.69
CA LYS A 105 -10.60 -13.10 -11.36
C LYS A 105 -10.63 -13.96 -10.11
N LEU A 106 -11.64 -13.73 -9.27
CA LEU A 106 -11.83 -14.51 -8.07
C LEU A 106 -12.77 -15.63 -8.49
N GLU A 107 -12.32 -16.87 -8.37
CA GLU A 107 -13.10 -18.02 -8.79
C GLU A 107 -13.95 -18.61 -7.67
N PHE A 108 -13.36 -18.72 -6.47
CA PHE A 108 -14.07 -19.25 -5.32
C PHE A 108 -13.55 -18.59 -4.04
N SER A 109 -14.31 -18.75 -2.97
CA SER A 109 -13.92 -18.23 -1.68
C SER A 109 -14.64 -19.04 -0.63
N PHE A 110 -14.00 -19.20 0.52
CA PHE A 110 -14.59 -19.93 1.63
C PHE A 110 -13.76 -19.67 2.88
N LYS A 111 -14.25 -20.13 4.01
CA LYS A 111 -13.54 -19.94 5.26
C LYS A 111 -13.78 -21.15 6.14
N ASP A 112 -12.88 -21.34 7.11
CA ASP A 112 -13.03 -22.44 8.05
C ASP A 112 -12.72 -21.90 9.44
N ASN A 113 -12.54 -22.77 10.42
CA ASN A 113 -12.26 -22.32 11.77
C ASN A 113 -11.07 -21.37 11.91
N SER A 114 -10.05 -21.54 11.06
CA SER A 114 -8.86 -20.71 11.17
C SER A 114 -8.60 -19.65 10.14
N ASN A 115 -8.86 -19.96 8.87
CA ASN A 115 -8.56 -19.01 7.81
C ASN A 115 -9.68 -18.61 6.88
N LEU A 116 -9.36 -17.61 6.06
CA LEU A 116 -10.22 -17.08 5.01
C LEU A 116 -9.46 -17.54 3.76
N TYR A 117 -10.18 -17.90 2.70
CA TYR A 117 -9.55 -18.35 1.46
C TYR A 117 -10.13 -17.68 0.24
N MET A 118 -9.25 -17.15 -0.62
CA MET A 118 -9.68 -16.52 -1.86
C MET A 118 -8.98 -17.30 -2.98
N VAL A 119 -9.76 -17.99 -3.80
CA VAL A 119 -9.18 -18.76 -4.89
C VAL A 119 -9.31 -17.97 -6.19
N MET A 120 -8.17 -17.48 -6.68
CA MET A 120 -8.14 -16.69 -7.91
C MET A 120 -7.59 -17.46 -9.09
N GLU A 121 -7.80 -16.94 -10.29
CA GLU A 121 -7.25 -17.59 -11.47
C GLU A 121 -5.75 -17.49 -11.27
N TYR A 122 -5.02 -18.52 -11.70
CA TYR A 122 -3.58 -18.53 -11.55
C TYR A 122 -2.93 -17.79 -12.72
N VAL A 123 -2.09 -16.81 -12.41
CA VAL A 123 -1.38 -16.06 -13.44
C VAL A 123 0.06 -16.57 -13.36
N ALA A 124 0.40 -17.47 -14.29
CA ALA A 124 1.71 -18.11 -14.32
C ALA A 124 2.93 -17.28 -14.73
N GLY A 125 2.70 -16.13 -15.34
CA GLY A 125 3.81 -15.31 -15.78
C GLY A 125 4.70 -14.69 -14.71
N GLY A 126 4.24 -14.67 -13.46
CA GLY A 126 5.01 -14.11 -12.37
C GLY A 126 4.77 -12.62 -12.18
N GLU A 127 5.39 -12.07 -11.15
CA GLU A 127 5.27 -10.65 -10.82
C GLU A 127 6.05 -9.80 -11.80
N MET A 128 5.50 -8.64 -12.17
CA MET A 128 6.23 -7.74 -13.05
C MET A 128 7.52 -7.40 -12.34
N PHE A 129 7.46 -7.39 -11.00
CA PHE A 129 8.62 -7.08 -10.18
C PHE A 129 9.84 -7.93 -10.50
N SER A 130 9.66 -9.26 -10.59
CA SER A 130 10.78 -10.14 -10.87
C SER A 130 11.37 -9.87 -12.25
N HIS A 131 10.50 -9.68 -13.24
CA HIS A 131 10.97 -9.41 -14.59
C HIS A 131 11.66 -8.07 -14.67
N LEU A 132 11.13 -7.08 -13.97
CA LEU A 132 11.73 -5.75 -13.98
C LEU A 132 13.12 -5.77 -13.33
N ARG A 133 13.24 -6.49 -12.22
CA ARG A 133 14.52 -6.55 -11.53
C ARG A 133 15.56 -7.34 -12.35
N ARG A 134 15.10 -8.31 -13.12
CA ARG A 134 16.02 -9.11 -13.94
C ARG A 134 16.44 -8.36 -15.20
N ILE A 135 15.48 -7.74 -15.87
CA ILE A 135 15.75 -6.98 -17.09
C ILE A 135 16.44 -5.66 -16.78
N GLY A 136 16.22 -5.15 -15.57
CA GLY A 136 16.82 -3.89 -15.16
C GLY A 136 15.84 -2.75 -15.32
N ARG A 137 15.54 -2.41 -16.57
CA ARG A 137 14.57 -1.38 -16.86
C ARG A 137 13.93 -1.63 -18.21
N PHE A 138 12.67 -1.26 -18.33
CA PHE A 138 11.92 -1.46 -19.56
C PHE A 138 12.08 -0.26 -20.51
N SER A 139 12.02 -0.53 -21.80
CA SER A 139 12.08 0.53 -22.80
C SER A 139 10.81 1.35 -22.59
N GLU A 140 10.77 2.57 -23.08
CA GLU A 140 9.56 3.37 -22.90
C GLU A 140 8.37 2.69 -23.59
N PRO A 141 8.57 2.09 -24.78
CA PRO A 141 7.44 1.43 -25.42
C PRO A 141 6.89 0.27 -24.57
N HIS A 142 7.80 -0.46 -23.93
CA HIS A 142 7.46 -1.61 -23.08
C HIS A 142 6.73 -1.11 -21.83
N ALA A 143 7.25 -0.03 -21.23
CA ALA A 143 6.63 0.55 -20.05
C ALA A 143 5.27 1.12 -20.41
N ARG A 144 5.18 1.72 -21.60
CA ARG A 144 3.94 2.31 -22.09
C ARG A 144 2.85 1.26 -22.28
N PHE A 145 3.26 0.08 -22.74
CA PHE A 145 2.32 -1.02 -22.96
C PHE A 145 1.64 -1.39 -21.65
N TYR A 146 2.42 -1.48 -20.57
CA TYR A 146 1.86 -1.81 -19.26
C TYR A 146 1.08 -0.63 -18.71
N ALA A 147 1.63 0.58 -18.87
CA ALA A 147 0.98 1.78 -18.37
C ALA A 147 -0.43 1.94 -18.95
N ALA A 148 -0.55 1.72 -20.25
CA ALA A 148 -1.86 1.85 -20.90
C ALA A 148 -2.89 0.93 -20.26
N GLN A 149 -2.47 -0.26 -19.90
CA GLN A 149 -3.38 -1.22 -19.27
C GLN A 149 -3.84 -0.72 -17.91
N ILE A 150 -2.92 -0.10 -17.17
CA ILE A 150 -3.25 0.43 -15.86
C ILE A 150 -4.18 1.62 -15.96
N VAL A 151 -3.94 2.46 -16.97
CA VAL A 151 -4.77 3.63 -17.20
C VAL A 151 -6.22 3.20 -17.41
N LEU A 152 -6.42 2.19 -18.25
CA LEU A 152 -7.77 1.71 -18.52
C LEU A 152 -8.39 1.07 -17.28
N THR A 153 -7.57 0.35 -16.53
CA THR A 153 -8.05 -0.32 -15.32
C THR A 153 -8.50 0.68 -14.27
N PHE A 154 -7.73 1.76 -14.09
CA PHE A 154 -8.11 2.76 -13.11
C PHE A 154 -9.35 3.52 -13.58
N GLU A 155 -9.46 3.75 -14.89
CA GLU A 155 -10.65 4.44 -15.40
C GLU A 155 -11.87 3.62 -15.00
N TYR A 156 -11.75 2.31 -15.18
CA TYR A 156 -12.82 1.39 -14.82
C TYR A 156 -13.09 1.42 -13.31
N LEU A 157 -12.07 1.13 -12.51
CA LEU A 157 -12.23 1.10 -11.05
C LEU A 157 -12.75 2.42 -10.48
N HIS A 158 -12.17 3.52 -10.92
CA HIS A 158 -12.58 4.83 -10.42
C HIS A 158 -14.02 5.17 -10.80
N SER A 159 -14.48 4.68 -11.95
CA SER A 159 -15.85 4.95 -12.38
C SER A 159 -16.84 4.26 -11.45
N LEU A 160 -16.36 3.26 -10.72
CA LEU A 160 -17.19 2.52 -9.78
C LEU A 160 -17.02 3.11 -8.39
N ASP A 161 -16.32 4.24 -8.32
CA ASP A 161 -16.04 4.92 -7.07
C ASP A 161 -15.16 4.08 -6.15
N LEU A 162 -14.29 3.29 -6.77
CA LEU A 162 -13.35 2.46 -6.02
C LEU A 162 -11.97 3.08 -6.14
N ILE A 163 -11.12 2.83 -5.14
CA ILE A 163 -9.75 3.29 -5.18
C ILE A 163 -8.99 1.98 -4.94
N TYR A 164 -7.92 1.75 -5.70
CA TYR A 164 -7.16 0.52 -5.59
C TYR A 164 -6.19 0.55 -4.42
N ARG A 165 -5.40 1.61 -4.33
CA ARG A 165 -4.47 1.83 -3.22
C ARG A 165 -3.23 0.99 -2.99
N ASP A 166 -2.84 0.15 -3.94
CA ASP A 166 -1.59 -0.58 -3.74
C ASP A 166 -0.93 -0.96 -5.05
N LEU A 167 -0.87 -0.01 -5.96
CA LEU A 167 -0.23 -0.25 -7.24
C LEU A 167 1.29 -0.37 -7.04
N LYS A 168 1.86 -1.45 -7.55
CA LYS A 168 3.31 -1.69 -7.46
C LYS A 168 3.61 -2.94 -8.29
N PRO A 169 4.83 -3.07 -8.79
CA PRO A 169 5.19 -4.24 -9.60
C PRO A 169 4.91 -5.59 -8.96
N GLU A 170 5.03 -5.65 -7.63
CA GLU A 170 4.79 -6.87 -6.89
C GLU A 170 3.33 -7.32 -6.96
N ASN A 171 2.42 -6.40 -7.22
CA ASN A 171 1.00 -6.71 -7.31
C ASN A 171 0.48 -6.80 -8.74
N LEU A 172 1.38 -6.73 -9.72
CA LEU A 172 1.00 -6.81 -11.12
C LEU A 172 1.60 -8.07 -11.69
N LEU A 173 0.74 -9.01 -12.05
CA LEU A 173 1.18 -10.28 -12.60
C LEU A 173 1.13 -10.26 -14.12
N ILE A 174 2.03 -11.03 -14.74
CA ILE A 174 2.09 -11.10 -16.19
C ILE A 174 1.43 -12.42 -16.62
N ASP A 175 0.44 -12.35 -17.49
CA ASP A 175 -0.21 -13.58 -17.92
C ASP A 175 0.51 -14.20 -19.10
N GLN A 176 -0.02 -15.32 -19.60
CA GLN A 176 0.61 -16.02 -20.71
C GLN A 176 0.67 -15.26 -22.04
N GLN A 177 -0.10 -14.18 -22.16
CA GLN A 177 -0.07 -13.39 -23.38
C GLN A 177 0.79 -12.14 -23.16
N GLY A 178 1.37 -12.03 -21.98
CA GLY A 178 2.21 -10.90 -21.67
C GLY A 178 1.47 -9.67 -21.15
N TYR A 179 0.18 -9.84 -20.88
CA TYR A 179 -0.62 -8.72 -20.38
C TYR A 179 -0.66 -8.70 -18.86
N ILE A 180 -1.06 -7.56 -18.31
CA ILE A 180 -1.14 -7.40 -16.87
C ILE A 180 -2.42 -7.95 -16.25
N GLN A 181 -2.26 -8.50 -15.05
CA GLN A 181 -3.36 -9.02 -14.25
C GLN A 181 -3.11 -8.41 -12.87
N VAL A 182 -3.93 -7.44 -12.48
CA VAL A 182 -3.79 -6.81 -11.17
C VAL A 182 -4.31 -7.72 -10.06
N THR A 183 -3.49 -7.95 -9.05
CA THR A 183 -3.91 -8.76 -7.93
C THR A 183 -3.81 -7.92 -6.66
N ASP A 184 -4.06 -8.55 -5.51
CA ASP A 184 -3.99 -7.87 -4.22
C ASP A 184 -4.93 -6.68 -4.05
N PHE A 185 -6.19 -6.97 -3.77
CA PHE A 185 -7.17 -5.92 -3.55
C PHE A 185 -7.27 -5.66 -2.05
N GLY A 186 -6.19 -5.99 -1.34
CA GLY A 186 -6.14 -5.81 0.10
C GLY A 186 -6.58 -4.46 0.63
N PHE A 187 -6.33 -3.41 -0.13
CA PHE A 187 -6.71 -2.05 0.30
C PHE A 187 -7.80 -1.41 -0.55
N ALA A 188 -8.32 -2.15 -1.52
CA ALA A 188 -9.37 -1.60 -2.39
C ALA A 188 -10.56 -1.18 -1.53
N LYS A 189 -11.14 -0.04 -1.84
CA LYS A 189 -12.26 0.47 -1.06
C LYS A 189 -13.22 1.31 -1.89
N ARG A 190 -14.50 1.22 -1.54
CA ARG A 190 -15.55 2.01 -2.18
C ARG A 190 -15.47 3.37 -1.46
N VAL A 191 -15.20 4.43 -2.21
CA VAL A 191 -15.08 5.77 -1.65
C VAL A 191 -15.77 6.78 -2.57
N LYS A 192 -16.77 7.47 -2.05
CA LYS A 192 -17.48 8.45 -2.88
C LYS A 192 -16.97 9.88 -2.69
N GLY A 193 -16.35 10.14 -1.55
CA GLY A 193 -15.83 11.48 -1.28
C GLY A 193 -14.33 11.48 -1.05
N ARG A 194 -13.93 11.06 0.15
CA ARG A 194 -12.52 11.00 0.52
C ARG A 194 -12.37 9.97 1.62
N THR A 195 -11.16 9.43 1.76
CA THR A 195 -10.90 8.45 2.80
C THR A 195 -9.61 8.84 3.55
N TRP A 196 -9.35 8.18 4.67
CA TRP A 196 -8.21 8.56 5.50
C TRP A 196 -7.18 7.53 5.96
N TPO A 197 -7.37 6.26 5.64
CA TPO A 197 -6.42 5.26 6.11
CB TPO A 197 -6.92 3.84 5.86
CG2 TPO A 197 -6.10 2.83 6.64
OG1 TPO A 197 -8.28 3.74 6.28
P TPO A 197 -9.46 3.56 5.18
O1P TPO A 197 -9.27 4.66 4.16
O2P TPO A 197 -10.77 3.63 5.95
O3P TPO A 197 -9.24 2.18 4.57
C TPO A 197 -5.06 5.39 5.48
O TPO A 197 -4.92 5.47 4.26
N LEU A 198 -4.04 5.42 6.32
CA LEU A 198 -2.68 5.51 5.82
C LEU A 198 -2.32 4.07 5.45
N CYS A 199 -2.32 3.78 4.15
CA CYS A 199 -2.01 2.44 3.67
C CYS A 199 -1.48 2.49 2.25
N GLY A 200 -0.80 1.43 1.85
CA GLY A 200 -0.21 1.32 0.53
C GLY A 200 1.15 0.70 0.73
N THR A 201 2.10 1.04 -0.14
CA THR A 201 3.46 0.53 -0.01
C THR A 201 4.32 1.80 0.01
N PRO A 202 5.26 1.91 0.97
CA PRO A 202 6.13 3.08 1.13
C PRO A 202 6.53 3.89 -0.10
N GLU A 203 7.25 3.28 -1.03
CA GLU A 203 7.71 3.97 -2.23
C GLU A 203 6.61 4.56 -3.13
N TYR A 204 5.40 4.03 -3.01
CA TYR A 204 4.27 4.45 -3.83
C TYR A 204 3.23 5.33 -3.18
N LEU A 205 3.42 5.67 -1.92
CA LEU A 205 2.45 6.50 -1.20
C LEU A 205 2.43 7.95 -1.69
N ALA A 206 1.24 8.49 -1.91
CA ALA A 206 1.13 9.86 -2.36
C ALA A 206 1.33 10.74 -1.14
N PRO A 207 1.74 11.99 -1.34
CA PRO A 207 1.96 12.92 -0.22
C PRO A 207 0.76 13.06 0.70
N GLU A 208 -0.44 13.15 0.12
CA GLU A 208 -1.64 13.33 0.93
C GLU A 208 -1.94 12.13 1.84
N ILE A 209 -1.47 10.94 1.48
CA ILE A 209 -1.69 9.77 2.32
C ILE A 209 -0.76 9.86 3.52
N ILE A 210 0.51 10.13 3.23
CA ILE A 210 1.55 10.25 4.26
C ILE A 210 1.20 11.29 5.30
N LEU A 211 0.64 12.41 4.86
CA LEU A 211 0.31 13.51 5.75
C LEU A 211 -1.10 13.55 6.33
N SER A 212 -1.86 12.48 6.12
CA SER A 212 -3.23 12.38 6.63
C SER A 212 -4.11 13.58 6.28
N LYS A 213 -4.00 14.06 5.04
CA LYS A 213 -4.79 15.20 4.59
C LYS A 213 -6.17 14.80 4.07
N GLY A 214 -6.39 13.50 3.92
CA GLY A 214 -7.64 13.02 3.37
C GLY A 214 -7.35 12.88 1.89
N TYR A 215 -7.82 11.81 1.25
CA TYR A 215 -7.51 11.66 -0.16
C TYR A 215 -8.56 10.92 -0.96
N ASN A 216 -8.38 10.92 -2.28
CA ASN A 216 -9.31 10.25 -3.18
C ASN A 216 -8.54 9.45 -4.22
N LYS A 217 -9.22 9.14 -5.32
CA LYS A 217 -8.64 8.35 -6.41
C LYS A 217 -7.37 8.93 -6.98
N ALA A 218 -7.06 10.18 -6.67
CA ALA A 218 -5.85 10.82 -7.18
C ALA A 218 -4.60 10.11 -6.72
N VAL A 219 -4.69 9.39 -5.60
CA VAL A 219 -3.52 8.68 -5.09
C VAL A 219 -3.15 7.54 -6.03
N ASP A 220 -4.15 6.99 -6.74
CA ASP A 220 -3.86 5.92 -7.68
C ASP A 220 -3.09 6.48 -8.87
N TRP A 221 -3.45 7.69 -9.31
CA TRP A 221 -2.76 8.31 -10.43
C TRP A 221 -1.33 8.66 -10.05
N TRP A 222 -1.12 9.04 -8.79
CA TRP A 222 0.22 9.35 -8.31
C TRP A 222 1.03 8.04 -8.38
N ALA A 223 0.45 6.96 -7.88
CA ALA A 223 1.10 5.67 -7.89
C ALA A 223 1.48 5.24 -9.31
N LEU A 224 0.63 5.57 -10.27
CA LEU A 224 0.93 5.23 -11.66
C LEU A 224 2.18 5.95 -12.09
N GLY A 225 2.32 7.21 -11.64
CA GLY A 225 3.50 7.97 -11.98
C GLY A 225 4.72 7.29 -11.41
N VAL A 226 4.60 6.77 -10.19
CA VAL A 226 5.72 6.08 -9.56
C VAL A 226 6.03 4.81 -10.34
N LEU A 227 4.98 4.09 -10.73
CA LEU A 227 5.14 2.86 -11.49
C LEU A 227 5.82 3.09 -12.85
N ILE A 228 5.35 4.09 -13.60
CA ILE A 228 5.95 4.36 -14.89
C ILE A 228 7.43 4.71 -14.75
N TYR A 229 7.74 5.56 -13.77
CA TYR A 229 9.11 5.95 -13.51
C TYR A 229 9.96 4.72 -13.19
N GLU A 230 9.47 3.88 -12.28
CA GLU A 230 10.22 2.69 -11.91
C GLU A 230 10.43 1.74 -13.09
N MET A 231 9.39 1.58 -13.91
CA MET A 231 9.50 0.70 -15.07
C MET A 231 10.53 1.21 -16.06
N ALA A 232 10.56 2.51 -16.28
CA ALA A 232 11.48 3.12 -17.24
C ALA A 232 12.89 3.39 -16.69
N ALA A 233 12.99 3.61 -15.39
CA ALA A 233 14.29 3.89 -14.77
C ALA A 233 14.94 2.66 -14.16
N GLY A 234 14.13 1.75 -13.62
CA GLY A 234 14.65 0.55 -13.00
C GLY A 234 14.61 0.67 -11.48
N TYR A 235 14.29 1.86 -11.00
CA TYR A 235 14.19 2.15 -9.57
C TYR A 235 13.11 3.23 -9.41
N PRO A 236 12.48 3.32 -8.23
CA PRO A 236 11.44 4.33 -8.01
C PRO A 236 12.02 5.73 -7.86
N PRO A 237 11.21 6.77 -8.13
CA PRO A 237 11.63 8.17 -8.04
C PRO A 237 12.02 8.66 -6.66
N PHE A 238 11.42 8.07 -5.64
CA PHE A 238 11.71 8.46 -4.26
C PHE A 238 12.22 7.23 -3.55
N PHE A 239 13.54 7.16 -3.37
CA PHE A 239 14.14 6.01 -2.72
C PHE A 239 15.20 6.35 -1.70
N ALA A 240 15.23 5.58 -0.62
CA ALA A 240 16.20 5.75 0.46
C ALA A 240 16.20 4.44 1.24
N ASP A 241 17.27 4.18 1.98
CA ASP A 241 17.35 2.95 2.75
C ASP A 241 16.41 2.88 3.94
N GLN A 242 15.87 4.03 4.35
CA GLN A 242 14.94 4.07 5.48
C GLN A 242 13.62 4.70 5.03
N PRO A 243 12.49 4.20 5.56
CA PRO A 243 11.16 4.72 5.22
C PRO A 243 10.98 6.23 5.39
N ILE A 244 11.36 6.77 6.55
CA ILE A 244 11.20 8.20 6.77
C ILE A 244 11.86 9.01 5.67
N GLN A 245 13.05 8.61 5.25
CA GLN A 245 13.75 9.33 4.19
C GLN A 245 12.96 9.24 2.89
N ILE A 246 12.32 8.10 2.65
CA ILE A 246 11.51 7.91 1.45
C ILE A 246 10.35 8.92 1.52
N TYR A 247 9.68 8.95 2.66
CA TYR A 247 8.55 9.86 2.84
C TYR A 247 8.95 11.33 2.75
N GLU A 248 10.13 11.67 3.25
CA GLU A 248 10.60 13.06 3.17
C GLU A 248 10.74 13.45 1.70
N LYS A 249 11.29 12.54 0.89
CA LYS A 249 11.48 12.79 -0.53
C LYS A 249 10.15 12.91 -1.27
N ILE A 250 9.19 12.06 -0.89
CA ILE A 250 7.87 12.08 -1.53
C ILE A 250 7.19 13.42 -1.26
N VAL A 251 7.17 13.83 -0.01
CA VAL A 251 6.54 15.09 0.37
C VAL A 251 7.17 16.29 -0.32
N SER A 252 8.48 16.21 -0.56
CA SER A 252 9.17 17.29 -1.24
C SER A 252 8.74 17.27 -2.70
N GLY A 253 8.60 16.07 -3.24
CA GLY A 253 8.19 15.91 -4.62
C GLY A 253 9.31 16.16 -5.62
N LYS A 254 10.43 16.71 -5.17
CA LYS A 254 11.52 16.96 -6.09
C LYS A 254 11.95 15.63 -6.70
N VAL A 255 11.78 15.52 -8.01
CA VAL A 255 12.13 14.31 -8.72
C VAL A 255 13.25 14.57 -9.72
N ARG A 256 14.14 13.59 -9.87
CA ARG A 256 15.24 13.68 -10.81
C ARG A 256 14.99 12.59 -11.86
N PHE A 257 15.05 12.95 -13.13
CA PHE A 257 14.82 12.00 -14.21
C PHE A 257 16.10 11.54 -14.87
N PRO A 258 16.21 10.24 -15.18
CA PRO A 258 17.42 9.74 -15.84
C PRO A 258 17.58 10.50 -17.15
N SER A 259 18.82 10.66 -17.60
CA SER A 259 19.07 11.39 -18.84
C SER A 259 18.43 10.74 -20.06
N HIS A 260 18.17 9.44 -19.99
CA HIS A 260 17.58 8.74 -21.12
C HIS A 260 16.06 8.85 -21.24
N PHE A 261 15.41 9.47 -20.25
CA PHE A 261 13.96 9.66 -20.29
C PHE A 261 13.60 10.67 -21.40
N SER A 262 12.63 10.34 -22.23
CA SER A 262 12.21 11.24 -23.30
C SER A 262 11.52 12.48 -22.70
N SER A 263 11.47 13.57 -23.47
CA SER A 263 10.83 14.80 -23.01
C SER A 263 9.37 14.55 -22.67
N ASP A 264 8.70 13.73 -23.48
CA ASP A 264 7.29 13.42 -23.24
C ASP A 264 7.12 12.66 -21.94
N LEU A 265 8.00 11.71 -21.68
CA LEU A 265 7.90 10.93 -20.46
C LEU A 265 8.06 11.83 -19.24
N LYS A 266 9.07 12.68 -19.28
CA LYS A 266 9.30 13.60 -18.18
C LYS A 266 8.08 14.49 -17.95
N ASP A 267 7.47 14.98 -19.02
CA ASP A 267 6.30 15.83 -18.87
C ASP A 267 5.15 15.05 -18.23
N LEU A 268 4.92 13.83 -18.70
CA LEU A 268 3.84 13.03 -18.14
C LEU A 268 4.08 12.81 -16.65
N LEU A 269 5.30 12.43 -16.32
CA LEU A 269 5.63 12.17 -14.92
C LEU A 269 5.54 13.41 -14.03
N ARG A 270 5.87 14.58 -14.56
CA ARG A 270 5.77 15.79 -13.75
C ARG A 270 4.31 16.07 -13.42
N ASN A 271 3.42 15.63 -14.30
CA ASN A 271 2.00 15.87 -14.09
C ASN A 271 1.35 14.79 -13.22
N LEU A 272 1.92 13.58 -13.22
CA LEU A 272 1.35 12.52 -12.40
C LEU A 272 1.94 12.62 -10.99
N LEU A 273 3.23 12.94 -10.90
CA LEU A 273 3.91 13.07 -9.63
C LEU A 273 3.80 14.50 -9.09
N GLN A 274 2.63 15.10 -9.33
CA GLN A 274 2.35 16.45 -8.85
C GLN A 274 1.94 16.36 -7.38
N VAL A 275 2.70 17.00 -6.49
CA VAL A 275 2.37 16.96 -5.08
C VAL A 275 1.03 17.59 -4.75
N ASP A 276 0.63 18.58 -5.54
CA ASP A 276 -0.66 19.23 -5.33
C ASP A 276 -1.67 18.39 -6.11
N LEU A 277 -2.44 17.59 -5.39
CA LEU A 277 -3.41 16.70 -6.01
C LEU A 277 -4.43 17.39 -6.92
N THR A 278 -4.64 18.69 -6.73
CA THR A 278 -5.59 19.42 -7.55
C THR A 278 -5.02 19.76 -8.94
N LYS A 279 -3.72 19.59 -9.10
CA LYS A 279 -3.05 19.87 -10.38
C LYS A 279 -2.56 18.57 -11.01
N ARG A 280 -2.80 17.46 -10.32
CA ARG A 280 -2.35 16.16 -10.78
C ARG A 280 -3.23 15.55 -11.88
N PHE A 281 -2.58 15.08 -12.93
CA PHE A 281 -3.27 14.45 -14.05
C PHE A 281 -4.09 13.28 -13.53
N GLY A 282 -5.30 13.14 -14.07
CA GLY A 282 -6.20 12.07 -13.66
C GLY A 282 -7.23 12.63 -12.70
N ASN A 283 -6.93 13.81 -12.17
CA ASN A 283 -7.82 14.46 -11.21
C ASN A 283 -8.28 15.85 -11.65
N LEU A 284 -8.05 16.18 -12.91
CA LEU A 284 -8.47 17.48 -13.43
C LEU A 284 -9.84 17.37 -14.10
N LYS A 285 -10.31 18.49 -14.66
CA LYS A 285 -11.62 18.52 -15.31
C LYS A 285 -11.82 17.38 -16.30
N ASN A 286 -10.83 17.13 -17.14
CA ASN A 286 -10.93 16.07 -18.14
C ASN A 286 -10.61 14.68 -17.60
N GLY A 287 -10.35 14.59 -16.30
CA GLY A 287 -10.06 13.31 -15.69
C GLY A 287 -8.99 12.49 -16.40
N VAL A 288 -9.30 11.22 -16.63
CA VAL A 288 -8.37 10.31 -17.29
C VAL A 288 -8.02 10.71 -18.72
N ASN A 289 -8.87 11.50 -19.37
CA ASN A 289 -8.59 11.90 -20.75
C ASN A 289 -7.30 12.68 -20.88
N ASP A 290 -6.93 13.42 -19.84
CA ASP A 290 -5.69 14.19 -19.85
C ASP A 290 -4.52 13.24 -20.02
N ILE A 291 -4.65 12.03 -19.49
CA ILE A 291 -3.60 11.04 -19.59
C ILE A 291 -3.66 10.33 -20.94
N LYS A 292 -4.87 9.93 -21.35
CA LYS A 292 -5.03 9.25 -22.64
C LYS A 292 -4.58 10.13 -23.80
N ASN A 293 -4.72 11.45 -23.60
CA ASN A 293 -4.36 12.42 -24.64
C ASN A 293 -2.94 12.98 -24.54
N HIS A 294 -2.18 12.56 -23.54
CA HIS A 294 -0.83 13.08 -23.38
C HIS A 294 0.06 12.57 -24.52
N LYS A 295 1.03 13.38 -24.92
CA LYS A 295 1.94 13.01 -26.00
C LYS A 295 2.66 11.69 -25.82
N TRP A 296 2.94 11.31 -24.58
CA TRP A 296 3.65 10.06 -24.36
C TRP A 296 2.84 8.86 -24.84
N PHE A 297 1.51 9.00 -24.83
CA PHE A 297 0.62 7.92 -25.26
C PHE A 297 0.10 8.12 -26.69
N ALA A 298 0.63 9.13 -27.38
CA ALA A 298 0.20 9.42 -28.75
C ALA A 298 0.09 8.21 -29.66
N THR A 299 1.06 7.30 -29.59
CA THR A 299 1.06 6.11 -30.43
C THR A 299 0.27 4.95 -29.83
N THR A 300 -0.46 5.21 -28.76
CA THR A 300 -1.23 4.16 -28.12
C THR A 300 -2.61 3.96 -28.74
N ASP A 301 -2.89 2.71 -29.09
CA ASP A 301 -4.17 2.33 -29.66
C ASP A 301 -4.92 1.75 -28.47
N TRP A 302 -5.68 2.61 -27.81
CA TRP A 302 -6.43 2.21 -26.62
C TRP A 302 -7.42 1.08 -26.84
N ILE A 303 -7.97 0.98 -28.05
CA ILE A 303 -8.91 -0.07 -28.34
C ILE A 303 -8.19 -1.41 -28.38
N ALA A 304 -7.07 -1.44 -29.11
CA ALA A 304 -6.29 -2.65 -29.23
C ALA A 304 -5.76 -3.10 -27.87
N ILE A 305 -5.50 -2.14 -26.99
CA ILE A 305 -5.01 -2.47 -25.66
C ILE A 305 -6.13 -3.17 -24.89
N TYR A 306 -7.30 -2.53 -24.83
CA TYR A 306 -8.43 -3.11 -24.12
C TYR A 306 -8.81 -4.48 -24.65
N GLN A 307 -8.80 -4.63 -25.97
CA GLN A 307 -9.16 -5.90 -26.59
C GLN A 307 -7.99 -6.88 -26.55
N ARG A 308 -6.86 -6.43 -26.01
CA ARG A 308 -5.66 -7.25 -25.89
C ARG A 308 -5.20 -7.78 -27.24
N LYS A 309 -5.23 -6.92 -28.25
CA LYS A 309 -4.81 -7.32 -29.59
C LYS A 309 -3.39 -6.85 -29.91
N VAL A 310 -2.87 -5.95 -29.10
CA VAL A 310 -1.52 -5.44 -29.32
C VAL A 310 -0.54 -6.56 -28.98
N GLU A 311 0.56 -6.65 -29.74
CA GLU A 311 1.56 -7.67 -29.47
C GLU A 311 2.33 -7.28 -28.22
N ALA A 312 2.39 -8.19 -27.25
CA ALA A 312 3.12 -7.92 -26.01
C ALA A 312 4.61 -7.86 -26.30
N PRO A 313 5.30 -6.83 -25.78
CA PRO A 313 6.74 -6.69 -25.99
C PRO A 313 7.52 -7.78 -25.27
N PHE A 314 6.88 -8.42 -24.31
CA PHE A 314 7.54 -9.48 -23.54
C PHE A 314 6.56 -10.56 -23.07
N ILE A 315 6.95 -11.81 -23.26
CA ILE A 315 6.12 -12.93 -22.84
C ILE A 315 6.95 -13.92 -22.04
N PRO A 316 6.54 -14.18 -20.79
CA PRO A 316 7.25 -15.12 -19.91
C PRO A 316 7.27 -16.52 -20.52
N LYS A 317 8.27 -17.31 -20.13
CA LYS A 317 8.41 -18.68 -20.63
C LYS A 317 7.43 -19.58 -19.87
N PHE A 318 6.86 -20.55 -20.57
CA PHE A 318 5.92 -21.48 -19.96
C PHE A 318 6.11 -22.90 -20.46
N LYS A 319 5.98 -23.86 -19.55
CA LYS A 319 6.12 -25.26 -19.89
C LYS A 319 4.72 -25.86 -20.00
N GLY A 320 3.89 -25.57 -18.99
CA GLY A 320 2.53 -26.07 -18.98
C GLY A 320 1.84 -25.74 -17.67
N PRO A 321 0.63 -26.27 -17.44
CA PRO A 321 -0.12 -26.02 -16.20
C PRO A 321 0.68 -26.44 -14.96
N GLY A 322 0.70 -25.59 -13.95
CA GLY A 322 1.41 -25.90 -12.73
C GLY A 322 2.84 -25.35 -12.69
N ASP A 323 3.33 -24.87 -13.83
CA ASP A 323 4.67 -24.32 -13.90
C ASP A 323 4.77 -23.09 -13.02
N THR A 324 5.73 -23.09 -12.09
CA THR A 324 5.90 -21.96 -11.20
C THR A 324 7.31 -21.36 -11.31
N SER A 325 7.99 -21.68 -12.41
CA SER A 325 9.35 -21.21 -12.63
C SER A 325 9.48 -19.68 -12.65
N ASN A 326 8.38 -18.97 -12.92
CA ASN A 326 8.42 -17.51 -12.96
C ASN A 326 8.26 -16.86 -11.59
N PHE A 327 8.05 -17.68 -10.56
CA PHE A 327 7.90 -17.18 -9.21
C PHE A 327 9.09 -17.65 -8.36
N ASP A 328 9.46 -16.85 -7.37
CA ASP A 328 10.56 -17.21 -6.49
C ASP A 328 10.09 -18.35 -5.59
N ASP A 329 11.04 -19.05 -4.98
CA ASP A 329 10.73 -20.14 -4.09
C ASP A 329 10.46 -19.58 -2.70
N TYR A 330 9.55 -20.22 -1.97
CA TYR A 330 9.21 -19.80 -0.63
C TYR A 330 9.16 -21.02 0.29
N GLU A 331 9.45 -20.82 1.57
CA GLU A 331 9.41 -21.92 2.52
C GLU A 331 7.97 -22.41 2.64
N GLU A 332 7.78 -23.71 2.42
CA GLU A 332 6.45 -24.31 2.49
C GLU A 332 6.06 -24.65 3.92
N GLU A 333 4.78 -24.94 4.12
CA GLU A 333 4.26 -25.30 5.44
C GLU A 333 2.85 -25.84 5.28
N GLU A 334 2.52 -26.88 6.04
CA GLU A 334 1.19 -27.47 5.97
C GLU A 334 0.16 -26.50 6.54
N ILE A 335 -1.03 -26.51 5.96
CA ILE A 335 -2.11 -25.63 6.42
C ILE A 335 -2.86 -26.33 7.54
N ARG A 336 -2.75 -25.82 8.76
CA ARG A 336 -3.45 -26.45 9.87
C ARG A 336 -4.73 -25.67 10.21
N VAL A 337 -5.82 -26.40 10.35
CA VAL A 337 -7.11 -25.80 10.68
C VAL A 337 -7.50 -26.20 12.09
N SEP A 338 -7.68 -25.20 12.96
CA SEP A 338 -8.05 -25.43 14.35
CB SEP A 338 -8.11 -24.10 15.08
OG SEP A 338 -8.59 -24.26 16.41
C SEP A 338 -9.39 -26.16 14.50
O SEP A 338 -10.23 -26.13 13.60
P SEP A 338 -7.64 -24.88 17.58
O1P SEP A 338 -6.29 -24.20 17.43
O2P SEP A 338 -8.33 -24.53 18.89
O3P SEP A 338 -7.57 -26.37 17.31
N ILE A 339 -9.57 -26.81 15.64
CA ILE A 339 -10.80 -27.55 15.93
C ILE A 339 -11.84 -26.59 16.51
N ASN A 340 -11.41 -25.37 16.82
CA ASN A 340 -12.30 -24.36 17.37
C ASN A 340 -12.39 -23.19 16.39
N GLU A 341 -13.60 -22.69 16.19
CA GLU A 341 -13.82 -21.56 15.28
C GLU A 341 -13.19 -20.30 15.85
N LYS A 342 -12.36 -19.65 15.04
CA LYS A 342 -11.68 -18.43 15.47
C LYS A 342 -12.28 -17.19 14.81
N CYS A 343 -12.54 -16.17 15.61
CA CYS A 343 -13.07 -14.90 15.14
C CYS A 343 -14.29 -15.01 14.21
N GLY A 344 -15.20 -15.91 14.53
CA GLY A 344 -16.38 -16.09 13.70
C GLY A 344 -17.19 -14.83 13.47
N LYS A 345 -17.58 -14.17 14.55
CA LYS A 345 -18.38 -12.95 14.47
C LYS A 345 -17.86 -11.88 13.51
N GLU A 346 -16.56 -11.63 13.56
CA GLU A 346 -15.94 -10.60 12.73
C GLU A 346 -15.89 -10.86 11.23
N PHE A 347 -16.03 -12.12 10.83
CA PHE A 347 -15.94 -12.47 9.42
C PHE A 347 -17.18 -13.11 8.83
N THR A 348 -18.32 -12.93 9.48
CA THR A 348 -19.56 -13.52 9.00
C THR A 348 -19.86 -13.24 7.53
N GLU A 349 -19.68 -11.99 7.11
CA GLU A 349 -19.95 -11.58 5.73
C GLU A 349 -19.11 -12.29 4.67
N PHE A 350 -17.93 -12.77 5.07
CA PHE A 350 -17.02 -13.45 4.14
C PHE A 350 -17.58 -14.77 3.64
N THR B 1 14.66 -6.12 -3.06
CA THR B 1 13.73 -7.09 -2.41
C THR B 1 12.28 -6.64 -2.55
N ARG B 2 11.38 -7.61 -2.65
CA ARG B 2 9.94 -7.34 -2.76
C ARG B 2 9.56 -6.44 -1.61
N ARG B 3 8.72 -5.44 -1.89
CA ARG B 3 8.30 -4.50 -0.87
C ARG B 3 6.91 -4.82 -0.34
N ALA B 4 6.82 -4.95 0.98
CA ALA B 4 5.55 -5.26 1.63
C ALA B 4 4.72 -4.01 1.82
N SER B 5 3.42 -4.21 1.95
CA SER B 5 2.52 -3.08 2.16
C SER B 5 2.58 -2.66 3.62
N VAL B 6 2.12 -1.44 3.87
CA VAL B 6 2.04 -0.88 5.21
C VAL B 6 0.60 -0.44 5.40
N CYS B 7 0.12 -0.46 6.64
CA CYS B 7 -1.26 -0.07 6.90
C CYS B 7 -1.46 0.34 8.36
N ALA B 8 -2.04 1.51 8.56
CA ALA B 8 -2.30 2.01 9.90
C ALA B 8 -3.75 1.78 10.29
N GLU B 9 -4.12 2.22 11.50
CA GLU B 9 -5.49 2.07 11.97
C GLU B 9 -6.40 3.05 11.25
N ALA B 10 -7.58 2.59 10.88
CA ALA B 10 -8.54 3.45 10.18
C ALA B 10 -9.26 4.37 11.15
N TYR B 11 -9.68 5.52 10.63
CA TYR B 11 -10.41 6.49 11.41
C TYR B 11 -11.10 7.44 10.44
N ASN B 12 -12.39 7.20 10.22
CA ASN B 12 -13.16 8.04 9.31
C ASN B 12 -13.88 9.08 10.13
N PRO B 13 -13.32 10.29 10.23
CA PRO B 13 -13.91 11.39 11.00
C PRO B 13 -15.27 11.80 10.43
N ASP B 14 -15.39 11.73 9.11
CA ASP B 14 -16.62 12.09 8.42
C ASP B 14 -17.76 11.16 8.84
N GLU B 15 -17.40 9.97 9.29
CA GLU B 15 -18.39 8.98 9.71
C GLU B 15 -18.31 8.75 11.22
N GLU B 16 -18.49 9.73 11.97
N ILE B 24 -7.26 15.50 26.73
CA ILE B 24 -6.17 15.32 25.73
C ILE B 24 -5.11 16.41 25.89
N ILE B 25 -5.12 17.07 27.04
CA ILE B 25 -4.16 18.13 27.32
C ILE B 25 -3.29 17.83 28.53
N HIS B 26 -1.99 17.71 28.29
CA HIS B 26 -1.04 17.44 29.35
C HIS B 26 -0.32 18.75 29.68
N PRO B 27 -0.69 19.37 30.80
CA PRO B 27 -0.07 20.63 31.21
C PRO B 27 1.45 20.66 31.09
N LYS B 28 1.94 21.74 30.50
CA LYS B 28 3.37 21.96 30.31
C LYS B 28 3.64 23.43 30.52
N THR B 29 4.82 23.76 31.01
CA THR B 29 5.18 25.15 31.23
C THR B 29 5.53 25.73 29.86
N ASP B 30 5.53 27.05 29.76
CA ASP B 30 5.86 27.72 28.50
C ASP B 30 7.25 27.28 28.05
N ASP B 31 8.15 27.11 29.01
CA ASP B 31 9.51 26.69 28.73
C ASP B 31 9.52 25.28 28.14
N GLN B 32 8.78 24.38 28.77
CA GLN B 32 8.70 23.00 28.29
C GLN B 32 8.15 22.91 26.88
N ARG B 33 7.08 23.66 26.61
CA ARG B 33 6.46 23.66 25.29
C ARG B 33 7.41 24.16 24.21
N ASN B 34 8.11 25.25 24.51
CA ASN B 34 9.04 25.83 23.55
C ASN B 34 10.17 24.86 23.22
N ARG B 35 10.75 24.23 24.22
CA ARG B 35 11.84 23.28 24.01
C ARG B 35 11.34 22.10 23.19
N LEU B 36 10.15 21.61 23.52
CA LEU B 36 9.57 20.48 22.83
C LEU B 36 9.31 20.79 21.37
N GLN B 37 8.74 21.96 21.10
CA GLN B 37 8.46 22.36 19.72
C GLN B 37 9.76 22.44 18.94
N GLU B 38 10.80 22.96 19.58
CA GLU B 38 12.10 23.11 18.96
C GLU B 38 12.76 21.76 18.64
N ALA B 39 12.37 20.74 19.37
CA ALA B 39 12.92 19.40 19.17
C ALA B 39 12.20 18.62 18.07
N CYS B 40 10.99 19.05 17.73
CA CYS B 40 10.19 18.39 16.70
C CYS B 40 10.16 19.18 15.40
N LYS B 41 10.84 20.32 15.38
CA LYS B 41 10.87 21.18 14.19
C LYS B 41 11.40 20.46 12.96
N ASP B 42 12.31 19.50 13.15
CA ASP B 42 12.88 18.75 12.04
C ASP B 42 12.16 17.45 11.74
N ILE B 43 11.16 17.11 12.56
CA ILE B 43 10.41 15.88 12.36
C ILE B 43 9.41 16.06 11.22
N LEU B 44 9.54 15.22 10.19
CA LEU B 44 8.68 15.29 9.02
C LEU B 44 7.19 15.54 9.23
N LEU B 45 6.54 14.69 10.03
CA LEU B 45 5.11 14.84 10.28
C LEU B 45 4.75 16.11 11.04
N PHE B 46 5.71 16.67 11.75
CA PHE B 46 5.46 17.90 12.51
C PHE B 46 5.65 19.12 11.62
N LYS B 47 6.70 19.10 10.81
CA LYS B 47 7.02 20.21 9.92
C LYS B 47 5.85 20.52 8.99
N ASN B 48 5.06 19.50 8.66
CA ASN B 48 3.93 19.67 7.77
C ASN B 48 2.59 19.98 8.42
N LEU B 49 2.60 20.25 9.72
CA LEU B 49 1.37 20.57 10.43
C LEU B 49 1.07 22.05 10.39
N ASP B 50 -0.23 22.37 10.42
CA ASP B 50 -0.65 23.76 10.44
C ASP B 50 -0.39 24.23 11.87
N PRO B 51 -0.26 25.54 12.09
CA PRO B 51 -0.01 26.03 13.44
C PRO B 51 -0.98 25.53 14.52
N GLU B 52 -2.28 25.51 14.21
CA GLU B 52 -3.24 25.05 15.19
C GLU B 52 -3.08 23.56 15.49
N GLN B 53 -2.71 22.78 14.48
CA GLN B 53 -2.52 21.36 14.68
C GLN B 53 -1.31 21.14 15.59
N MET B 54 -0.26 21.90 15.34
CA MET B 54 0.95 21.82 16.14
C MET B 54 0.61 22.02 17.61
N SER B 55 -0.12 23.09 17.89
CA SER B 55 -0.53 23.40 19.26
C SER B 55 -1.28 22.25 19.91
N GLN B 56 -2.21 21.67 19.17
CA GLN B 56 -3.00 20.55 19.69
C GLN B 56 -2.13 19.31 19.89
N VAL B 57 -1.20 19.08 18.98
CA VAL B 57 -0.31 17.93 19.09
C VAL B 57 0.59 18.09 20.32
N LEU B 58 1.17 19.28 20.49
CA LEU B 58 2.05 19.54 21.63
C LEU B 58 1.32 19.35 22.95
N ASP B 59 0.03 19.68 22.99
CA ASP B 59 -0.75 19.52 24.20
C ASP B 59 -0.94 18.05 24.52
N ALA B 60 -1.04 17.23 23.48
CA ALA B 60 -1.25 15.80 23.62
C ALA B 60 -0.03 14.99 24.06
N MET B 61 1.17 15.53 23.85
CA MET B 61 2.39 14.83 24.23
C MET B 61 2.53 14.72 25.74
N PHE B 62 2.65 13.49 26.24
CA PHE B 62 2.76 13.21 27.66
C PHE B 62 4.20 13.01 28.16
N GLU B 63 4.41 13.29 29.44
CA GLU B 63 5.73 13.15 30.04
C GLU B 63 5.97 11.70 30.43
N LYS B 64 7.16 11.20 30.10
CA LYS B 64 7.54 9.83 30.44
C LYS B 64 8.82 9.83 31.24
N LEU B 65 8.68 9.66 32.56
CA LEU B 65 9.83 9.64 33.46
C LEU B 65 10.43 8.24 33.46
N VAL B 66 11.75 8.16 33.39
CA VAL B 66 12.42 6.86 33.37
C VAL B 66 13.56 6.78 34.38
N LYS B 67 13.79 5.58 34.90
CA LYS B 67 14.86 5.35 35.87
C LYS B 67 16.02 4.69 35.14
N GLU B 68 17.23 4.90 35.66
CA GLU B 68 18.42 4.33 35.06
C GLU B 68 18.23 2.82 34.88
N GLY B 69 18.70 2.29 33.75
CA GLY B 69 18.56 0.88 33.48
C GLY B 69 17.23 0.48 32.89
N GLU B 70 16.28 1.41 32.85
CA GLU B 70 14.95 1.14 32.31
C GLU B 70 14.96 1.13 30.78
N HIS B 71 14.23 0.18 30.19
CA HIS B 71 14.15 0.08 28.74
C HIS B 71 12.98 0.91 28.23
N VAL B 72 13.28 1.99 27.50
CA VAL B 72 12.23 2.83 26.96
C VAL B 72 11.46 2.03 25.92
N ILE B 73 12.19 1.43 24.99
CA ILE B 73 11.59 0.60 23.96
C ILE B 73 12.46 -0.63 23.75
N ASP B 74 11.84 -1.77 23.48
CA ASP B 74 12.56 -3.01 23.24
C ASP B 74 12.44 -3.37 21.77
N GLN B 75 13.58 -3.69 21.15
CA GLN B 75 13.58 -4.04 19.73
C GLN B 75 12.61 -5.18 19.43
N GLY B 76 11.88 -5.04 18.33
CA GLY B 76 10.93 -6.07 17.95
C GLY B 76 9.52 -5.86 18.45
N ASP B 77 9.37 -5.06 19.50
CA ASP B 77 8.05 -4.79 20.07
C ASP B 77 7.22 -3.95 19.11
N ASP B 78 5.91 -3.91 19.36
CA ASP B 78 5.02 -3.10 18.53
C ASP B 78 5.32 -1.65 18.91
N GLY B 79 5.27 -0.76 17.92
CA GLY B 79 5.56 0.63 18.21
C GLY B 79 4.34 1.51 18.00
N ASP B 80 3.91 2.19 19.05
CA ASP B 80 2.76 3.08 18.95
C ASP B 80 3.10 4.48 19.42
N ASN B 81 4.31 4.65 19.97
CA ASN B 81 4.72 5.95 20.48
C ASN B 81 6.01 6.53 19.91
N PHE B 82 6.01 7.85 19.78
CA PHE B 82 7.16 8.62 19.30
C PHE B 82 7.72 9.29 20.56
N TYR B 83 9.03 9.38 20.67
CA TYR B 83 9.64 10.00 21.84
C TYR B 83 10.71 11.03 21.54
N VAL B 84 10.72 12.09 22.35
CA VAL B 84 11.72 13.13 22.23
C VAL B 84 12.35 13.25 23.61
N ILE B 85 13.68 13.27 23.65
CA ILE B 85 14.40 13.35 24.92
C ILE B 85 14.34 14.75 25.52
N ASP B 86 14.11 14.82 26.82
CA ASP B 86 14.06 16.09 27.53
C ASP B 86 15.36 16.20 28.33
N ARG B 87 15.74 15.09 28.96
CA ARG B 87 16.97 15.03 29.73
C ARG B 87 17.34 13.59 30.00
N GLY B 88 18.59 13.36 30.39
CA GLY B 88 19.05 12.01 30.67
C GLY B 88 19.89 11.43 29.56
N THR B 89 20.58 10.34 29.88
CA THR B 89 21.43 9.66 28.90
C THR B 89 20.78 8.34 28.56
N PHE B 90 20.91 7.93 27.30
CA PHE B 90 20.33 6.67 26.86
C PHE B 90 21.30 5.93 25.96
N ASP B 91 21.17 4.61 25.93
CA ASP B 91 22.02 3.79 25.08
C ASP B 91 21.17 3.26 23.94
N ILE B 92 21.81 2.97 22.82
CA ILE B 92 21.09 2.44 21.68
C ILE B 92 21.84 1.25 21.11
N TYR B 93 21.19 0.09 21.14
CA TYR B 93 21.82 -1.10 20.59
C TYR B 93 20.83 -1.88 19.75
N VAL B 94 21.37 -2.56 18.74
CA VAL B 94 20.57 -3.36 17.82
C VAL B 94 21.11 -4.78 17.74
N LYS B 95 20.22 -5.75 17.79
CA LYS B 95 20.63 -7.15 17.69
C LYS B 95 20.55 -7.55 16.22
N CYS B 96 21.66 -7.99 15.66
CA CYS B 96 21.71 -8.38 14.26
C CYS B 96 22.15 -9.84 14.11
N ASP B 97 21.21 -10.69 13.71
CA ASP B 97 21.49 -12.11 13.52
C ASP B 97 21.97 -12.74 14.83
N GLY B 98 21.56 -12.16 15.94
CA GLY B 98 21.95 -12.68 17.24
C GLY B 98 23.08 -11.92 17.90
N VAL B 99 23.75 -11.05 17.13
CA VAL B 99 24.86 -10.27 17.66
C VAL B 99 24.40 -8.89 18.12
N GLY B 100 24.53 -8.64 19.42
CA GLY B 100 24.14 -7.36 19.97
C GLY B 100 25.26 -6.34 19.79
N ARG B 101 24.91 -5.17 19.27
CA ARG B 101 25.90 -4.12 19.05
C ARG B 101 25.37 -2.77 19.48
N CYS B 102 26.24 -1.92 20.01
CA CYS B 102 25.85 -0.59 20.43
C CYS B 102 25.95 0.29 19.19
N VAL B 103 24.95 1.14 18.98
CA VAL B 103 24.96 2.02 17.81
C VAL B 103 25.08 3.47 18.23
N GLY B 104 25.55 3.70 19.45
CA GLY B 104 25.73 5.05 19.94
C GLY B 104 25.12 5.33 21.30
N ASN B 105 25.34 6.54 21.79
CA ASN B 105 24.83 6.97 23.09
C ASN B 105 24.11 8.31 22.94
N TYR B 106 22.95 8.42 23.58
CA TYR B 106 22.18 9.66 23.56
C TYR B 106 22.67 10.49 24.74
N ASP B 107 22.75 11.80 24.55
CA ASP B 107 23.21 12.68 25.62
C ASP B 107 22.28 13.87 25.84
N ASN B 108 21.21 13.62 26.60
CA ASN B 108 20.23 14.66 26.94
C ASN B 108 19.42 15.26 25.79
N ARG B 109 19.74 14.86 24.57
CA ARG B 109 18.99 15.37 23.41
C ARG B 109 18.80 14.26 22.39
N GLY B 110 17.79 14.41 21.55
CA GLY B 110 17.51 13.42 20.53
C GLY B 110 16.07 13.00 20.49
N SER B 111 15.72 12.20 19.49
CA SER B 111 14.36 11.72 19.33
C SER B 111 14.39 10.36 18.64
N PHE B 112 13.33 9.58 18.81
CA PHE B 112 13.24 8.26 18.19
C PHE B 112 11.80 7.75 18.17
N GLY B 113 11.55 6.76 17.32
CA GLY B 113 10.20 6.19 17.22
C GLY B 113 9.31 6.98 16.28
N GLU B 114 9.93 7.78 15.43
CA GLU B 114 9.24 8.63 14.47
C GLU B 114 8.25 7.87 13.58
N LEU B 115 8.70 6.72 13.07
CA LEU B 115 7.85 5.92 12.19
C LEU B 115 6.55 5.45 12.84
N ALA B 116 6.57 5.30 14.16
CA ALA B 116 5.40 4.84 14.91
C ALA B 116 4.20 5.77 14.73
N LEU B 117 4.45 7.01 14.34
CA LEU B 117 3.39 7.97 14.14
C LEU B 117 2.62 7.73 12.84
N MET B 118 3.13 6.84 12.00
CA MET B 118 2.45 6.54 10.75
C MET B 118 1.77 5.18 10.76
N TYR B 119 2.46 4.18 11.28
CA TYR B 119 1.91 2.84 11.36
C TYR B 119 2.78 1.98 12.27
N ASN B 120 2.24 0.85 12.69
CA ASN B 120 2.99 -0.04 13.56
C ASN B 120 3.92 -0.96 12.79
N THR B 121 5.16 -1.03 13.27
CA THR B 121 6.19 -1.88 12.71
C THR B 121 7.07 -2.20 13.91
N PRO B 122 7.73 -3.36 13.90
CA PRO B 122 8.58 -3.70 15.04
C PRO B 122 9.70 -2.68 15.27
N ARG B 123 9.96 -2.38 16.54
CA ARG B 123 11.02 -1.43 16.88
C ARG B 123 12.31 -1.95 16.29
N ALA B 124 13.11 -1.06 15.71
CA ALA B 124 14.38 -1.44 15.10
C ALA B 124 15.52 -1.47 16.10
N ALA B 125 15.27 -1.02 17.32
CA ALA B 125 16.31 -1.00 18.34
C ALA B 125 15.76 -0.89 19.76
N THR B 126 16.63 -1.19 20.71
CA THR B 126 16.27 -1.11 22.12
C THR B 126 16.95 0.14 22.66
N ILE B 127 16.20 0.97 23.37
CA ILE B 127 16.76 2.19 23.94
C ILE B 127 16.59 2.16 25.46
N THR B 128 17.72 2.06 26.15
CA THR B 128 17.72 1.99 27.60
C THR B 128 18.29 3.26 28.23
N ALA B 129 17.68 3.68 29.33
CA ALA B 129 18.12 4.87 30.05
C ALA B 129 19.36 4.49 30.85
N THR B 130 20.44 5.25 30.69
CA THR B 130 21.67 4.97 31.42
C THR B 130 21.83 5.92 32.60
N SER B 131 20.72 6.56 32.97
CA SER B 131 20.69 7.49 34.08
C SER B 131 19.26 8.01 34.21
N PRO B 132 18.96 8.70 35.32
CA PRO B 132 17.59 9.21 35.46
C PRO B 132 17.31 10.10 34.26
N GLY B 133 16.11 10.01 33.70
CA GLY B 133 15.79 10.82 32.55
C GLY B 133 14.32 11.12 32.37
N ALA B 134 14.01 11.93 31.35
CA ALA B 134 12.63 12.31 31.05
C ALA B 134 12.44 12.45 29.55
N LEU B 135 11.31 12.00 29.06
CA LEU B 135 11.02 12.09 27.63
C LEU B 135 9.58 12.54 27.40
N TRP B 136 9.30 13.00 26.20
CA TRP B 136 7.95 13.41 25.82
C TRP B 136 7.51 12.40 24.79
N GLY B 137 6.32 11.82 25.00
CA GLY B 137 5.81 10.83 24.09
C GLY B 137 4.53 11.23 23.38
N LEU B 138 4.29 10.62 22.23
CA LEU B 138 3.10 10.89 21.43
C LEU B 138 2.59 9.58 20.86
N ASP B 139 1.32 9.29 21.14
CA ASP B 139 0.68 8.06 20.67
C ASP B 139 0.21 8.23 19.22
N ARG B 140 0.46 7.23 18.39
CA ARG B 140 0.05 7.30 16.98
C ARG B 140 -1.43 7.57 16.78
N VAL B 141 -2.27 6.81 17.47
CA VAL B 141 -3.71 6.99 17.33
C VAL B 141 -4.16 8.38 17.78
N THR B 142 -3.64 8.85 18.91
CA THR B 142 -4.00 10.17 19.41
C THR B 142 -3.62 11.23 18.38
N PHE B 143 -2.40 11.10 17.85
CA PHE B 143 -1.89 12.02 16.84
C PHE B 143 -2.82 12.03 15.62
N ARG B 144 -3.04 10.86 15.05
CA ARG B 144 -3.91 10.73 13.87
C ARG B 144 -5.29 11.35 14.04
N ARG B 145 -5.92 11.05 15.18
CA ARG B 145 -7.25 11.58 15.44
C ARG B 145 -7.23 13.10 15.44
N ILE B 146 -6.17 13.68 15.98
CA ILE B 146 -6.04 15.14 16.02
C ILE B 146 -5.94 15.71 14.61
N ILE B 147 -4.98 15.21 13.82
CA ILE B 147 -4.77 15.71 12.47
C ILE B 147 -5.95 15.46 11.54
N VAL B 148 -6.48 14.23 11.56
CA VAL B 148 -7.60 13.87 10.72
C VAL B 148 -8.88 14.65 11.06
N LYS B 149 -9.16 14.79 12.35
CA LYS B 149 -10.36 15.51 12.76
C LYS B 149 -10.25 16.96 12.32
N ASN B 150 -9.05 17.52 12.43
CA ASN B 150 -8.82 18.90 12.03
C ASN B 150 -8.89 19.06 10.52
N ASN B 151 -8.29 18.13 9.78
CA ASN B 151 -8.31 18.22 8.33
C ASN B 151 -9.68 17.87 7.74
N ALA B 152 -10.47 17.11 8.48
CA ALA B 152 -11.79 16.72 8.00
C ALA B 152 -12.67 17.95 7.86
N LYS B 153 -12.39 18.99 8.65
CA LYS B 153 -13.19 20.21 8.58
C LYS B 153 -12.83 21.09 7.40
N LYS B 154 -11.73 20.79 6.73
CA LYS B 154 -11.31 21.58 5.58
C LYS B 154 -12.11 21.24 4.33
N ARG B 155 -12.57 22.29 3.63
CA ARG B 155 -13.33 22.10 2.41
C ARG B 155 -12.40 21.64 1.30
N LYS B 156 -12.90 20.83 0.37
CA LYS B 156 -12.09 20.35 -0.74
C LYS B 156 -12.78 20.56 -2.08
N MET B 157 -12.21 19.99 -3.14
CA MET B 157 -12.76 20.11 -4.48
C MET B 157 -12.59 21.53 -5.00
N TYR B 158 -13.15 22.46 -4.36
MN MN C . 0.75 -7.58 -2.62
MN MN D . -1.93 -6.66 0.13
PG ANP E . 1.20 -7.14 0.29
O1G ANP E . -0.05 -6.60 0.96
O2G ANP E . 1.50 -6.35 -0.97
O3G ANP E . 2.38 -7.02 1.23
PB ANP E . -0.38 -9.54 0.26
O1B ANP E . -0.28 -10.09 1.62
O2B ANP E . -1.64 -8.75 0.08
N3B ANP E . 1.01 -8.72 -0.13
PA ANP E . -0.71 -10.61 -2.31
O1A ANP E . -2.16 -10.45 -2.58
O2A ANP E . 0.05 -9.52 -2.99
O3A ANP E . -0.29 -10.79 -0.76
O5' ANP E . -0.25 -12.02 -2.88
C5' ANP E . 1.12 -12.39 -2.63
C4' ANP E . 1.85 -12.76 -3.89
O4' ANP E . 1.28 -13.96 -4.43
C3' ANP E . 1.82 -11.76 -5.04
O3' ANP E . 2.80 -10.73 -4.87
C2' ANP E . 2.12 -12.67 -6.23
O2' ANP E . 3.48 -13.02 -6.33
C1' ANP E . 1.32 -13.92 -5.85
N9 ANP E . -0.04 -13.93 -6.37
C8 ANP E . -1.16 -13.26 -5.91
N7 ANP E . -2.23 -13.47 -6.62
C5 ANP E . -1.80 -14.35 -7.61
C6 ANP E . -2.47 -14.96 -8.69
N6 ANP E . -3.76 -14.78 -8.95
N1 ANP E . -1.75 -15.78 -9.48
C2 ANP E . -0.46 -15.97 -9.20
N3 ANP E . 0.28 -15.46 -8.23
C4 ANP E . -0.46 -14.64 -7.45
#